data_5NUD
#
_entry.id   5NUD
#
_cell.length_a   82.899
_cell.length_b   87.054
_cell.length_c   182.052
_cell.angle_alpha   90.00
_cell.angle_beta   90.00
_cell.angle_gamma   90.00
#
_symmetry.space_group_name_H-M   'C 2 2 21'
#
loop_
_entity.id
_entity.type
_entity.pdbx_description
1 polymer 'Fibroblast growth factor receptor 4'
2 non-polymer 3-chloranyl-~{N}-(3-nitropyridin-2-yl)-5-(trifluoromethyl)pyridin-2-amine
3 water water
#
_entity_poly.entity_id   1
_entity_poly.type   'polypeptide(L)'
_entity_poly.pdbx_seq_one_letter_code
;GPLVSLDLPLDPLWEFPRDRLVLGKPLGEGCFGQVVRAEAFGMDPARPDQASTVAVKMLKDNASDKDLADLVSEMEVMKL
IGRHKNIINLLGVCTQEGPLYVIVECAAKGNLREFLRARRPPGPDLSPDGPRSSEGPLSFPVLVSCAYQVARGMQYLESR
KCIHRDLAARNVLVTEDNVMKIADFGLARGVHHIDYYKKTSNGRLPVKWMAPEALFDRVYTHQSDVWSFGILLWEIFTLG
GSPYPGIPVEELFSLLREGHRMDRPPHCPPELYGLMRECWHAAPSQRPTFKQLVEALDKVLLAVSEE
;
_entity_poly.pdbx_strand_id   A,B
#
loop_
_chem_comp.id
_chem_comp.type
_chem_comp.name
_chem_comp.formula
99K non-polymer 3-chloranyl-~{N}-(3-nitropyridin-2-yl)-5-(trifluoromethyl)pyridin-2-amine 'C11 H6 Cl F3 N4 O2'
#
# COMPACT_ATOMS: atom_id res chain seq x y z
N ASP A 7 -5.03 -13.86 20.37
CA ASP A 7 -6.07 -14.54 19.62
C ASP A 7 -6.32 -13.86 18.28
N LEU A 8 -6.48 -12.52 18.30
CA LEU A 8 -6.67 -11.66 17.12
C LEU A 8 -5.89 -10.31 17.26
N PRO A 9 -4.53 -10.31 17.18
CA PRO A 9 -3.78 -9.03 17.29
C PRO A 9 -4.00 -8.06 16.12
N LEU A 10 -3.39 -6.85 16.22
CA LEU A 10 -3.49 -5.79 15.21
C LEU A 10 -2.28 -5.73 14.25
N ASP A 11 -2.48 -6.15 12.99
CA ASP A 11 -1.44 -6.11 11.96
C ASP A 11 -1.45 -4.77 11.21
N PRO A 12 -0.38 -3.93 11.32
CA PRO A 12 -0.34 -2.64 10.60
C PRO A 12 -0.35 -2.78 9.08
N LEU A 13 0.17 -3.91 8.61
CA LEU A 13 0.26 -4.20 7.19
C LEU A 13 -1.09 -4.57 6.57
N TRP A 14 -2.12 -4.92 7.39
CA TRP A 14 -3.40 -5.47 6.93
C TRP A 14 -4.74 -4.92 7.49
N GLU A 15 -4.72 -4.17 8.61
CA GLU A 15 -5.94 -3.69 9.25
C GLU A 15 -6.59 -2.59 8.43
N PHE A 16 -7.90 -2.73 8.17
CA PHE A 16 -8.68 -1.83 7.33
C PHE A 16 -9.82 -1.29 8.19
N PRO A 17 -10.18 -0.01 8.04
CA PRO A 17 -11.23 0.56 8.90
C PRO A 17 -12.60 0.00 8.55
N ARG A 18 -13.30 -0.61 9.52
CA ARG A 18 -14.62 -1.19 9.27
C ARG A 18 -15.70 -0.24 8.79
N ASP A 19 -15.56 1.05 9.08
CA ASP A 19 -16.50 2.11 8.68
C ASP A 19 -16.31 2.51 7.20
N ARG A 20 -15.21 2.07 6.55
CA ARG A 20 -14.95 2.31 5.12
C ARG A 20 -15.37 1.05 4.33
N LEU A 21 -16.18 0.19 4.93
CA LEU A 21 -16.66 -1.07 4.36
C LEU A 21 -18.17 -1.12 4.46
N VAL A 22 -18.83 -1.02 3.31
CA VAL A 22 -20.29 -1.04 3.23
C VAL A 22 -20.75 -2.39 2.70
N LEU A 23 -21.19 -3.25 3.63
CA LEU A 23 -21.67 -4.59 3.34
C LEU A 23 -22.89 -4.62 2.42
N GLY A 24 -22.96 -5.68 1.60
CA GLY A 24 -24.04 -5.87 0.63
C GLY A 24 -24.63 -7.27 0.65
N LYS A 25 -24.93 -7.82 -0.55
CA LYS A 25 -25.59 -9.13 -0.68
C LYS A 25 -24.65 -10.31 -0.51
N PRO A 26 -25.11 -11.44 0.05
CA PRO A 26 -24.22 -12.61 0.17
C PRO A 26 -23.84 -13.17 -1.19
N LEU A 27 -22.62 -13.68 -1.29
CA LEU A 27 -22.04 -14.28 -2.48
C LEU A 27 -22.19 -15.80 -2.40
N GLY A 28 -21.81 -16.37 -1.24
CA GLY A 28 -21.86 -17.81 -1.00
C GLY A 28 -21.88 -18.22 0.45
N GLU A 29 -21.77 -19.56 0.69
CA GLU A 29 -21.77 -20.25 2.00
C GLU A 29 -23.08 -20.11 2.83
N GLY A 30 -23.19 -20.93 3.88
CA GLY A 30 -24.33 -20.95 4.79
C GLY A 30 -23.94 -21.34 6.21
N GLY A 33 -20.42 -19.83 8.55
CA GLY A 33 -19.64 -19.55 7.35
C GLY A 33 -20.41 -18.72 6.33
N GLN A 34 -19.77 -17.64 5.77
CA GLN A 34 -20.41 -16.73 4.83
C GLN A 34 -19.40 -15.86 4.05
N VAL A 35 -19.69 -15.60 2.75
CA VAL A 35 -18.91 -14.71 1.88
C VAL A 35 -19.93 -13.67 1.38
N VAL A 36 -19.73 -12.39 1.73
CA VAL A 36 -20.67 -11.31 1.38
C VAL A 36 -20.03 -10.27 0.47
N ARG A 37 -20.82 -9.72 -0.49
CA ARG A 37 -20.36 -8.68 -1.40
C ARG A 37 -20.29 -7.39 -0.58
N ALA A 38 -19.35 -6.50 -0.90
CA ALA A 38 -19.21 -5.21 -0.23
C ALA A 38 -18.51 -4.22 -1.10
N GLU A 39 -18.73 -2.94 -0.79
CA GLU A 39 -18.08 -1.81 -1.43
C GLU A 39 -17.09 -1.23 -0.38
N ALA A 40 -15.78 -1.27 -0.69
CA ALA A 40 -14.72 -0.81 0.21
C ALA A 40 -14.15 0.49 -0.29
N PHE A 41 -13.90 1.46 0.61
CA PHE A 41 -13.34 2.77 0.27
C PHE A 41 -11.90 2.88 0.74
N GLY A 42 -10.99 3.06 -0.21
CA GLY A 42 -9.57 3.22 0.08
C GLY A 42 -8.74 1.96 0.02
N MET A 43 -9.24 0.90 -0.67
CA MET A 43 -8.47 -0.32 -0.87
C MET A 43 -7.20 -0.01 -1.67
N ASP A 44 -7.21 1.15 -2.36
CA ASP A 44 -6.09 1.78 -3.03
C ASP A 44 -5.78 3.00 -2.13
N PRO A 45 -4.71 2.94 -1.28
CA PRO A 45 -4.45 4.06 -0.34
C PRO A 45 -4.07 5.43 -0.93
N ALA A 46 -3.69 5.50 -2.24
CA ALA A 46 -3.36 6.76 -2.92
C ALA A 46 -4.64 7.60 -3.15
N ARG A 47 -5.73 6.95 -3.57
CA ARG A 47 -7.06 7.52 -3.81
C ARG A 47 -8.01 6.88 -2.76
N PRO A 48 -8.07 7.46 -1.52
CA PRO A 48 -8.86 6.84 -0.45
C PRO A 48 -10.38 6.99 -0.48
N ASP A 49 -10.89 7.92 -1.31
CA ASP A 49 -12.33 8.15 -1.48
C ASP A 49 -12.89 7.27 -2.61
N GLN A 50 -12.00 6.55 -3.32
CA GLN A 50 -12.32 5.64 -4.41
C GLN A 50 -12.80 4.30 -3.86
N ALA A 51 -13.97 3.87 -4.32
CA ALA A 51 -14.55 2.60 -3.93
C ALA A 51 -14.17 1.49 -4.92
N SER A 52 -14.17 0.25 -4.43
CA SER A 52 -13.96 -0.97 -5.20
C SER A 52 -14.89 -2.05 -4.66
N THR A 53 -15.33 -2.98 -5.53
CA THR A 53 -16.17 -4.10 -5.08
C THR A 53 -15.25 -5.21 -4.57
N VAL A 54 -15.49 -5.65 -3.32
CA VAL A 54 -14.68 -6.67 -2.64
C VAL A 54 -15.54 -7.83 -2.12
N ALA A 55 -14.93 -8.97 -1.82
CA ALA A 55 -15.62 -10.12 -1.24
C ALA A 55 -15.18 -10.21 0.25
N VAL A 56 -16.14 -10.27 1.17
CA VAL A 56 -15.83 -10.33 2.60
C VAL A 56 -16.24 -11.64 3.23
N LYS A 57 -15.24 -12.39 3.70
CA LYS A 57 -15.46 -13.64 4.43
C LYS A 57 -15.55 -13.31 5.92
N MET A 58 -16.57 -13.88 6.54
CA MET A 58 -16.92 -13.74 7.95
C MET A 58 -17.61 -15.02 8.38
N LEU A 59 -17.75 -15.23 9.69
CA LEU A 59 -18.46 -16.38 10.25
C LEU A 59 -19.94 -16.04 10.44
N LYS A 60 -20.76 -17.10 10.61
CA LYS A 60 -22.17 -16.96 10.96
C LYS A 60 -22.18 -16.99 12.51
N ASP A 61 -23.27 -16.54 13.17
CA ASP A 61 -23.33 -16.49 14.64
C ASP A 61 -23.30 -17.88 15.29
N ASN A 62 -23.80 -18.90 14.58
CA ASN A 62 -23.79 -20.30 15.01
C ASN A 62 -22.40 -20.97 14.82
N ALA A 63 -21.32 -20.17 14.62
CA ALA A 63 -19.96 -20.67 14.44
C ALA A 63 -19.24 -20.86 15.78
N SER A 64 -18.31 -21.81 15.83
CA SER A 64 -17.54 -22.17 17.02
C SER A 64 -16.18 -21.47 17.08
N ASP A 65 -15.44 -21.67 18.20
CA ASP A 65 -14.10 -21.15 18.41
C ASP A 65 -13.18 -21.77 17.33
N LYS A 66 -13.42 -23.05 16.98
CA LYS A 66 -12.67 -23.80 15.97
C LYS A 66 -12.81 -23.15 14.59
N ASP A 67 -14.04 -22.69 14.24
CA ASP A 67 -14.37 -21.98 13.00
C ASP A 67 -13.58 -20.67 12.89
N LEU A 68 -13.45 -19.94 14.03
CA LEU A 68 -12.69 -18.70 14.12
C LEU A 68 -11.20 -18.99 13.92
N ALA A 69 -10.69 -20.01 14.60
CA ALA A 69 -9.30 -20.47 14.48
C ALA A 69 -8.95 -20.77 13.02
N ASP A 70 -9.88 -21.45 12.30
CA ASP A 70 -9.74 -21.82 10.89
C ASP A 70 -9.76 -20.58 9.98
N LEU A 71 -10.70 -19.64 10.23
CA LEU A 71 -10.77 -18.41 9.44
C LEU A 71 -9.50 -17.56 9.64
N VAL A 72 -8.95 -17.54 10.87
CA VAL A 72 -7.70 -16.85 11.22
C VAL A 72 -6.51 -17.43 10.44
N SER A 73 -6.33 -18.76 10.46
CA SER A 73 -5.26 -19.47 9.73
C SER A 73 -5.33 -19.22 8.23
N GLU A 74 -6.54 -19.24 7.66
CA GLU A 74 -6.76 -18.94 6.24
C GLU A 74 -6.25 -17.52 5.93
N MET A 75 -6.55 -16.54 6.79
CA MET A 75 -6.11 -15.14 6.71
C MET A 75 -4.57 -15.03 6.87
N GLU A 76 -4.01 -15.82 7.79
CA GLU A 76 -2.57 -15.87 8.09
C GLU A 76 -1.76 -16.52 6.99
N VAL A 77 -2.30 -17.57 6.35
CA VAL A 77 -1.69 -18.26 5.20
C VAL A 77 -1.68 -17.30 4.00
N MET A 78 -2.79 -16.57 3.80
CA MET A 78 -2.95 -15.61 2.71
C MET A 78 -1.93 -14.49 2.73
N LYS A 79 -1.59 -14.00 3.95
CA LYS A 79 -0.57 -12.94 4.16
C LYS A 79 0.78 -13.50 3.76
N LEU A 80 1.08 -14.74 4.21
CA LEU A 80 2.33 -15.44 3.96
C LEU A 80 2.54 -15.65 2.48
N ILE A 81 1.55 -16.23 1.78
CA ILE A 81 1.64 -16.54 0.35
C ILE A 81 2.04 -15.35 -0.53
N GLY A 82 1.61 -14.15 -0.18
CA GLY A 82 1.96 -12.98 -0.98
C GLY A 82 1.05 -12.85 -2.18
N ARG A 83 1.08 -11.69 -2.80
CA ARG A 83 0.24 -11.36 -3.94
C ARG A 83 0.65 -12.01 -5.27
N HIS A 84 -0.35 -12.34 -6.08
CA HIS A 84 -0.23 -12.83 -7.44
C HIS A 84 -1.49 -12.51 -8.23
N LYS A 85 -1.28 -12.16 -9.50
CA LYS A 85 -2.29 -11.86 -10.52
C LYS A 85 -3.37 -12.95 -10.60
N ASN A 86 -2.99 -14.25 -10.55
CA ASN A 86 -3.93 -15.38 -10.76
C ASN A 86 -4.42 -16.14 -9.55
N ILE A 87 -4.40 -15.46 -8.38
CA ILE A 87 -4.93 -16.01 -7.12
C ILE A 87 -5.87 -14.97 -6.58
N ILE A 88 -6.86 -15.39 -5.77
CA ILE A 88 -7.75 -14.46 -5.08
C ILE A 88 -6.89 -13.88 -3.96
N ASN A 89 -6.62 -12.59 -4.00
CA ASN A 89 -5.73 -11.98 -3.00
C ASN A 89 -6.47 -11.40 -1.80
N LEU A 90 -5.73 -11.29 -0.68
CA LEU A 90 -6.16 -10.70 0.57
C LEU A 90 -6.01 -9.22 0.37
N LEU A 91 -7.08 -8.45 0.62
CA LEU A 91 -7.05 -6.99 0.48
C LEU A 91 -6.86 -6.31 1.82
N GLY A 92 -7.61 -6.74 2.81
CA GLY A 92 -7.53 -6.21 4.15
C GLY A 92 -8.23 -7.09 5.16
N VAL A 93 -8.19 -6.66 6.43
CA VAL A 93 -8.83 -7.36 7.55
C VAL A 93 -9.45 -6.37 8.53
N CYS A 94 -10.54 -6.78 9.17
CA CYS A 94 -11.23 -6.05 10.24
C CYS A 94 -11.29 -7.07 11.39
N THR A 95 -10.48 -6.83 12.44
CA THR A 95 -10.31 -7.76 13.57
C THR A 95 -10.89 -7.29 14.90
N GLN A 96 -11.00 -5.96 15.12
CA GLN A 96 -11.49 -5.38 16.39
C GLN A 96 -12.93 -4.83 16.34
N GLU A 97 -13.55 -4.70 17.53
CA GLU A 97 -14.90 -4.19 17.76
C GLU A 97 -15.93 -4.74 16.78
N GLY A 98 -15.97 -6.05 16.65
CA GLY A 98 -16.95 -6.66 15.78
C GLY A 98 -16.54 -7.98 15.19
N PRO A 99 -17.33 -8.50 14.21
CA PRO A 99 -16.98 -9.80 13.63
C PRO A 99 -15.69 -9.71 12.85
N LEU A 100 -14.95 -10.82 12.78
CA LEU A 100 -13.72 -10.86 12.00
C LEU A 100 -14.12 -10.76 10.51
N TYR A 101 -13.48 -9.83 9.79
CA TYR A 101 -13.69 -9.66 8.37
C TYR A 101 -12.38 -9.96 7.66
N VAL A 102 -12.42 -10.95 6.77
CA VAL A 102 -11.29 -11.29 5.93
C VAL A 102 -11.72 -10.81 4.53
N ILE A 103 -11.21 -9.63 4.13
CA ILE A 103 -11.55 -8.96 2.87
C ILE A 103 -10.66 -9.46 1.72
N VAL A 104 -11.28 -10.07 0.72
CA VAL A 104 -10.55 -10.61 -0.42
C VAL A 104 -11.05 -10.02 -1.72
N GLU A 105 -10.38 -10.33 -2.83
CA GLU A 105 -10.74 -9.85 -4.17
C GLU A 105 -12.04 -10.47 -4.62
N CYS A 106 -12.86 -9.62 -5.24
CA CYS A 106 -14.12 -10.03 -5.82
C CYS A 106 -13.91 -10.24 -7.33
N ALA A 107 -14.48 -11.34 -7.88
CA ALA A 107 -14.38 -11.73 -9.29
C ALA A 107 -15.81 -11.72 -9.85
N ALA A 108 -16.15 -10.65 -10.60
CA ALA A 108 -17.52 -10.39 -11.06
C ALA A 108 -18.25 -11.42 -11.93
N LYS A 109 -17.51 -12.34 -12.56
CA LYS A 109 -18.12 -13.33 -13.45
C LYS A 109 -18.27 -14.72 -12.85
N GLY A 110 -18.03 -14.83 -11.53
CA GLY A 110 -18.11 -16.06 -10.76
C GLY A 110 -17.10 -17.12 -11.18
N ASN A 111 -17.38 -18.38 -10.84
CA ASN A 111 -16.48 -19.48 -11.16
C ASN A 111 -16.35 -19.82 -12.66
N LEU A 112 -15.21 -20.42 -13.01
CA LEU A 112 -14.83 -20.81 -14.35
C LEU A 112 -15.81 -21.81 -14.99
N ARG A 113 -16.25 -22.83 -14.23
CA ARG A 113 -17.21 -23.85 -14.72
C ARG A 113 -18.49 -23.14 -15.20
N GLU A 114 -18.97 -22.17 -14.40
CA GLU A 114 -20.16 -21.38 -14.70
C GLU A 114 -19.94 -20.40 -15.85
N PHE A 115 -18.76 -19.78 -15.88
CA PHE A 115 -18.35 -18.84 -16.91
C PHE A 115 -18.41 -19.52 -18.28
N LEU A 116 -17.81 -20.73 -18.38
CA LEU A 116 -17.75 -21.56 -19.59
C LEU A 116 -19.13 -22.06 -20.01
N ARG A 117 -19.94 -22.55 -19.05
CA ARG A 117 -21.28 -23.09 -19.31
C ARG A 117 -22.28 -22.09 -19.79
N ALA A 118 -22.18 -20.82 -19.35
CA ALA A 118 -23.11 -19.75 -19.75
C ALA A 118 -22.80 -19.19 -21.14
N ARG A 119 -21.60 -19.49 -21.69
CA ARG A 119 -21.14 -19.01 -22.98
C ARG A 119 -21.01 -20.10 -24.04
N ARG A 120 -21.59 -21.28 -23.78
CA ARG A 120 -21.59 -22.37 -24.75
C ARG A 120 -22.42 -21.96 -25.99
N PRO A 121 -21.89 -22.06 -27.22
CA PRO A 121 -22.72 -21.76 -28.40
C PRO A 121 -23.83 -22.82 -28.57
N PRO A 122 -25.02 -22.45 -29.10
CA PRO A 122 -26.09 -23.45 -29.26
C PRO A 122 -25.79 -24.48 -30.35
N LEU A 138 -17.25 -18.73 -27.03
CA LEU A 138 -15.93 -18.23 -26.66
C LEU A 138 -14.75 -18.92 -27.38
N SER A 139 -13.91 -18.12 -28.04
CA SER A 139 -12.78 -18.51 -28.89
C SER A 139 -11.62 -19.25 -28.25
N PHE A 140 -10.79 -19.94 -29.08
CA PHE A 140 -9.58 -20.66 -28.67
C PHE A 140 -8.59 -19.79 -27.90
N PRO A 141 -8.24 -18.54 -28.35
CA PRO A 141 -7.33 -17.71 -27.55
C PRO A 141 -7.83 -17.48 -26.12
N VAL A 142 -9.18 -17.43 -25.91
CA VAL A 142 -9.80 -17.25 -24.59
C VAL A 142 -9.65 -18.52 -23.71
N LEU A 143 -9.83 -19.71 -24.28
CA LEU A 143 -9.69 -20.96 -23.54
C LEU A 143 -8.25 -21.28 -23.16
N VAL A 144 -7.30 -21.00 -24.08
CA VAL A 144 -5.85 -21.20 -23.87
C VAL A 144 -5.38 -20.19 -22.82
N SER A 145 -5.98 -19.00 -22.85
CA SER A 145 -5.66 -17.93 -21.91
C SER A 145 -6.17 -18.26 -20.47
N CYS A 146 -7.35 -18.95 -20.31
CA CYS A 146 -7.86 -19.42 -19.03
C CYS A 146 -6.88 -20.42 -18.46
N ALA A 147 -6.58 -21.46 -19.27
CA ALA A 147 -5.70 -22.57 -18.94
C ALA A 147 -4.32 -22.10 -18.53
N TYR A 148 -3.76 -21.19 -19.37
CA TYR A 148 -2.44 -20.60 -19.18
C TYR A 148 -2.34 -19.86 -17.86
N GLN A 149 -3.34 -18.99 -17.55
CA GLN A 149 -3.42 -18.20 -16.31
C GLN A 149 -3.52 -19.11 -15.07
N VAL A 150 -4.31 -20.20 -15.15
CA VAL A 150 -4.46 -21.12 -14.03
C VAL A 150 -3.09 -21.77 -13.75
N ALA A 151 -2.32 -22.10 -14.81
CA ALA A 151 -0.98 -22.67 -14.68
C ALA A 151 -0.02 -21.67 -14.06
N ARG A 152 -0.09 -20.39 -14.48
CA ARG A 152 0.72 -19.31 -13.91
C ARG A 152 0.44 -19.13 -12.40
N GLY A 153 -0.85 -19.23 -12.03
CA GLY A 153 -1.30 -19.15 -10.65
C GLY A 153 -0.86 -20.32 -9.80
N MET A 154 -0.98 -21.56 -10.36
CA MET A 154 -0.54 -22.79 -9.71
C MET A 154 0.97 -22.82 -9.57
N GLN A 155 1.73 -22.38 -10.62
CA GLN A 155 3.19 -22.26 -10.56
C GLN A 155 3.58 -21.32 -9.39
N TYR A 156 2.87 -20.18 -9.26
CA TYR A 156 3.13 -19.25 -8.16
C TYR A 156 2.90 -19.91 -6.79
N LEU A 157 1.73 -20.56 -6.60
CA LEU A 157 1.37 -21.22 -5.33
C LEU A 157 2.42 -22.27 -4.91
N GLU A 158 2.87 -23.08 -5.87
CA GLU A 158 3.88 -24.10 -5.69
C GLU A 158 5.20 -23.48 -5.19
N SER A 159 5.61 -22.32 -5.78
CA SER A 159 6.84 -21.60 -5.38
C SER A 159 6.76 -21.06 -3.92
N ARG A 160 5.52 -20.86 -3.41
CA ARG A 160 5.30 -20.42 -2.03
C ARG A 160 5.06 -21.61 -1.11
N LYS A 161 5.29 -22.86 -1.64
CA LYS A 161 5.14 -24.15 -0.95
C LYS A 161 3.68 -24.46 -0.62
N CYS A 162 2.75 -23.99 -1.45
CA CYS A 162 1.33 -24.19 -1.23
C CYS A 162 0.69 -25.32 -2.10
N ILE A 163 0.11 -26.36 -1.42
CA ILE A 163 -0.59 -27.46 -2.12
C ILE A 163 -2.08 -27.17 -2.06
N HIS A 164 -2.72 -26.97 -3.24
CA HIS A 164 -4.14 -26.65 -3.35
C HIS A 164 -5.07 -27.73 -2.77
N ARG A 165 -4.89 -29.00 -3.21
CA ARG A 165 -5.69 -30.18 -2.81
C ARG A 165 -7.06 -30.30 -3.50
N ASP A 166 -7.64 -29.20 -3.99
CA ASP A 166 -8.93 -29.27 -4.66
C ASP A 166 -8.99 -28.38 -5.92
N LEU A 167 -8.02 -28.57 -6.82
CA LEU A 167 -8.03 -27.77 -8.06
C LEU A 167 -9.10 -28.33 -9.02
N ALA A 168 -10.05 -27.47 -9.40
CA ALA A 168 -11.22 -27.73 -10.25
C ALA A 168 -11.66 -26.37 -10.81
N ALA A 169 -12.38 -26.36 -11.94
CA ALA A 169 -12.88 -25.14 -12.58
C ALA A 169 -13.76 -24.31 -11.65
N ARG A 170 -14.53 -24.97 -10.76
CA ARG A 170 -15.44 -24.31 -9.81
C ARG A 170 -14.69 -23.51 -8.72
N ASN A 171 -13.41 -23.82 -8.47
CA ASN A 171 -12.56 -23.12 -7.50
C ASN A 171 -11.64 -22.11 -8.18
N VAL A 172 -11.93 -21.83 -9.44
CA VAL A 172 -11.23 -20.81 -10.22
C VAL A 172 -12.27 -19.75 -10.49
N LEU A 173 -11.98 -18.53 -10.08
CA LEU A 173 -12.89 -17.41 -10.27
C LEU A 173 -12.48 -16.53 -11.44
N VAL A 174 -13.46 -15.88 -12.09
CA VAL A 174 -13.26 -15.02 -13.28
C VAL A 174 -13.67 -13.58 -13.00
N THR A 175 -12.77 -12.64 -13.25
CA THR A 175 -12.98 -11.22 -13.03
C THR A 175 -13.67 -10.57 -14.25
N GLU A 176 -13.97 -9.25 -14.13
CA GLU A 176 -14.53 -8.41 -15.18
C GLU A 176 -13.67 -8.50 -16.46
N ASP A 177 -12.32 -8.44 -16.31
CA ASP A 177 -11.36 -8.46 -17.41
C ASP A 177 -10.93 -9.88 -17.85
N ASN A 178 -11.74 -10.91 -17.56
CA ASN A 178 -11.43 -12.32 -17.83
C ASN A 178 -10.10 -12.78 -17.25
N VAL A 179 -9.81 -12.34 -16.01
CA VAL A 179 -8.62 -12.75 -15.26
C VAL A 179 -9.03 -13.95 -14.40
N MET A 180 -8.28 -15.06 -14.51
CA MET A 180 -8.51 -16.30 -13.74
C MET A 180 -7.85 -16.07 -12.41
N LYS A 181 -8.57 -16.40 -11.35
CA LYS A 181 -8.08 -16.24 -9.99
C LYS A 181 -8.42 -17.50 -9.24
N ILE A 182 -7.38 -18.27 -8.84
CA ILE A 182 -7.56 -19.53 -8.08
C ILE A 182 -7.98 -19.18 -6.66
N ALA A 183 -9.10 -19.77 -6.21
CA ALA A 183 -9.65 -19.58 -4.87
C ALA A 183 -9.37 -20.82 -4.02
N ASP A 184 -9.57 -20.66 -2.68
CA ASP A 184 -9.49 -21.70 -1.62
C ASP A 184 -8.18 -22.47 -1.50
N PHE A 185 -7.06 -21.75 -1.70
CA PHE A 185 -5.71 -22.34 -1.62
C PHE A 185 -5.11 -22.34 -0.18
N GLY A 186 -5.75 -21.61 0.75
CA GLY A 186 -5.30 -21.52 2.14
C GLY A 186 -6.34 -21.90 3.17
N ARG A 204 -20.60 -35.56 -3.78
CA ARG A 204 -19.95 -35.94 -2.52
C ARG A 204 -18.48 -35.45 -2.52
N LEU A 205 -17.51 -36.39 -2.56
CA LEU A 205 -16.07 -36.09 -2.63
C LEU A 205 -15.73 -35.73 -4.09
N PRO A 206 -14.70 -34.86 -4.33
CA PRO A 206 -14.32 -34.54 -5.73
C PRO A 206 -13.39 -35.59 -6.33
N VAL A 207 -13.80 -36.85 -6.23
CA VAL A 207 -13.15 -38.07 -6.68
C VAL A 207 -12.56 -37.91 -8.09
N LYS A 208 -13.38 -37.41 -9.05
CA LYS A 208 -13.04 -37.25 -10.47
C LYS A 208 -11.89 -36.27 -10.76
N TRP A 209 -11.47 -35.48 -9.75
CA TRP A 209 -10.39 -34.50 -9.85
C TRP A 209 -9.12 -34.91 -9.13
N MET A 210 -9.21 -35.90 -8.24
CA MET A 210 -8.11 -36.36 -7.38
C MET A 210 -7.15 -37.31 -8.03
N ALA A 211 -5.85 -37.05 -7.84
CA ALA A 211 -4.76 -37.90 -8.30
C ALA A 211 -4.84 -39.23 -7.53
N PRO A 212 -4.50 -40.38 -8.16
CA PRO A 212 -4.62 -41.67 -7.46
C PRO A 212 -4.02 -41.73 -6.06
N GLU A 213 -2.79 -41.23 -5.88
CA GLU A 213 -2.15 -41.18 -4.56
C GLU A 213 -2.96 -40.36 -3.52
N ALA A 214 -3.77 -39.40 -3.97
CA ALA A 214 -4.61 -38.55 -3.11
C ALA A 214 -5.92 -39.24 -2.70
N LEU A 215 -6.57 -39.91 -3.65
CA LEU A 215 -7.81 -40.67 -3.46
C LEU A 215 -7.58 -41.88 -2.56
N PHE A 216 -6.57 -42.70 -2.89
CA PHE A 216 -6.27 -43.93 -2.17
C PHE A 216 -5.28 -43.78 -1.01
N ASP A 217 -4.04 -43.36 -1.28
CA ASP A 217 -3.04 -43.23 -0.23
C ASP A 217 -3.15 -41.96 0.66
N ARG A 218 -4.08 -41.04 0.29
CA ARG A 218 -4.34 -39.77 1.00
C ARG A 218 -3.09 -38.88 1.09
N VAL A 219 -2.17 -39.01 0.10
CA VAL A 219 -0.95 -38.22 0.04
C VAL A 219 -1.12 -37.07 -0.97
N TYR A 220 -0.96 -35.81 -0.50
CA TYR A 220 -1.14 -34.62 -1.34
C TYR A 220 0.17 -33.94 -1.63
N THR A 221 0.49 -33.87 -2.92
CA THR A 221 1.75 -33.34 -3.44
C THR A 221 1.48 -32.30 -4.54
N HIS A 222 2.52 -31.59 -4.96
CA HIS A 222 2.44 -30.62 -6.06
C HIS A 222 2.05 -31.33 -7.35
N GLN A 223 2.67 -32.52 -7.58
CA GLN A 223 2.38 -33.43 -8.69
C GLN A 223 0.94 -33.92 -8.72
N SER A 224 0.32 -34.12 -7.54
CA SER A 224 -1.10 -34.50 -7.48
C SER A 224 -2.03 -33.34 -7.90
N ASP A 225 -1.58 -32.07 -7.67
CA ASP A 225 -2.33 -30.89 -8.14
C ASP A 225 -2.19 -30.76 -9.66
N VAL A 226 -1.06 -31.23 -10.24
CA VAL A 226 -0.84 -31.27 -11.70
C VAL A 226 -1.87 -32.26 -12.32
N TRP A 227 -2.19 -33.39 -11.62
CA TRP A 227 -3.22 -34.33 -12.11
C TRP A 227 -4.57 -33.59 -12.23
N SER A 228 -4.97 -32.91 -11.13
CA SER A 228 -6.17 -32.10 -11.03
C SER A 228 -6.19 -31.03 -12.11
N PHE A 229 -4.99 -30.47 -12.45
CA PHE A 229 -4.83 -29.47 -13.52
C PHE A 229 -5.19 -30.07 -14.90
N GLY A 230 -4.79 -31.32 -15.13
CA GLY A 230 -5.12 -32.07 -16.34
C GLY A 230 -6.62 -32.19 -16.50
N ILE A 231 -7.35 -32.51 -15.38
CA ILE A 231 -8.82 -32.58 -15.34
C ILE A 231 -9.38 -31.18 -15.61
N LEU A 232 -8.80 -30.15 -14.95
CA LEU A 232 -9.20 -28.75 -15.15
C LEU A 232 -9.10 -28.35 -16.67
N LEU A 233 -7.99 -28.72 -17.36
CA LEU A 233 -7.80 -28.45 -18.79
C LEU A 233 -8.95 -29.05 -19.60
N TRP A 234 -9.32 -30.31 -19.32
CA TRP A 234 -10.43 -31.01 -19.98
C TRP A 234 -11.76 -30.25 -19.75
N GLU A 235 -11.99 -29.78 -18.51
CA GLU A 235 -13.18 -28.98 -18.16
C GLU A 235 -13.26 -27.75 -19.04
N ILE A 236 -12.12 -27.08 -19.28
CA ILE A 236 -12.00 -25.88 -20.10
C ILE A 236 -12.34 -26.17 -21.56
N PHE A 237 -11.65 -27.18 -22.16
CA PHE A 237 -11.84 -27.57 -23.56
C PHE A 237 -13.15 -28.29 -23.93
N THR A 238 -13.97 -28.62 -22.92
CA THR A 238 -15.33 -29.18 -23.07
C THR A 238 -16.34 -28.08 -22.71
N LEU A 239 -15.85 -26.84 -22.48
CA LEU A 239 -16.64 -25.65 -22.07
C LEU A 239 -17.45 -25.89 -20.78
N GLY A 240 -16.77 -26.45 -19.77
CA GLY A 240 -17.33 -26.74 -18.46
C GLY A 240 -18.08 -28.06 -18.38
N GLY A 241 -17.58 -29.09 -19.05
CA GLY A 241 -18.16 -30.43 -19.04
C GLY A 241 -17.80 -31.19 -17.78
N SER A 242 -18.59 -32.20 -17.45
CA SER A 242 -18.36 -33.04 -16.27
C SER A 242 -17.34 -34.14 -16.58
N PRO A 243 -16.25 -34.26 -15.80
CA PRO A 243 -15.25 -35.29 -16.11
C PRO A 243 -15.81 -36.71 -16.05
N TYR A 244 -15.25 -37.60 -16.88
CA TYR A 244 -15.67 -39.01 -17.00
C TYR A 244 -17.20 -39.09 -17.20
N PRO A 245 -17.74 -38.57 -18.33
CA PRO A 245 -19.19 -38.63 -18.56
C PRO A 245 -19.72 -40.06 -18.70
N GLY A 246 -20.83 -40.36 -18.01
CA GLY A 246 -21.47 -41.66 -18.01
C GLY A 246 -20.92 -42.68 -17.03
N ILE A 247 -19.68 -42.44 -16.52
CA ILE A 247 -19.01 -43.33 -15.56
C ILE A 247 -19.36 -42.95 -14.12
N PRO A 248 -19.97 -43.88 -13.35
CA PRO A 248 -20.26 -43.58 -11.95
C PRO A 248 -18.98 -43.56 -11.13
N VAL A 249 -18.94 -42.66 -10.14
CA VAL A 249 -17.82 -42.41 -9.21
C VAL A 249 -17.19 -43.71 -8.65
N GLU A 250 -18.02 -44.72 -8.34
CA GLU A 250 -17.62 -46.02 -7.81
C GLU A 250 -16.82 -46.85 -8.80
N GLU A 251 -17.17 -46.79 -10.10
CA GLU A 251 -16.47 -47.51 -11.17
C GLU A 251 -15.18 -46.80 -11.68
N LEU A 252 -14.85 -45.60 -11.12
CA LEU A 252 -13.70 -44.81 -11.56
C LEU A 252 -12.29 -45.37 -11.28
N PHE A 253 -11.97 -45.69 -10.01
CA PHE A 253 -10.66 -46.22 -9.63
C PHE A 253 -10.19 -47.44 -10.40
N SER A 254 -11.12 -48.37 -10.73
CA SER A 254 -10.81 -49.57 -11.53
C SER A 254 -10.39 -49.20 -12.97
N LEU A 255 -11.14 -48.27 -13.62
CA LEU A 255 -10.81 -47.79 -14.96
C LEU A 255 -9.43 -47.15 -15.01
N LEU A 256 -9.12 -46.29 -13.99
CA LEU A 256 -7.81 -45.62 -13.86
C LEU A 256 -6.66 -46.63 -13.73
N ARG A 257 -6.84 -47.67 -12.86
CA ARG A 257 -5.91 -48.81 -12.65
C ARG A 257 -5.66 -49.64 -13.91
N GLU A 258 -6.69 -49.77 -14.77
CA GLU A 258 -6.61 -50.46 -16.06
C GLU A 258 -5.86 -49.62 -17.13
N GLY A 259 -5.52 -48.37 -16.79
CA GLY A 259 -4.81 -47.43 -17.66
C GLY A 259 -5.70 -46.58 -18.54
N HIS A 260 -7.00 -46.56 -18.25
CA HIS A 260 -7.94 -45.77 -19.02
C HIS A 260 -8.05 -44.33 -18.54
N ARG A 261 -8.02 -43.40 -19.51
CA ARG A 261 -8.15 -41.96 -19.30
C ARG A 261 -9.26 -41.43 -20.20
N MET A 262 -9.74 -40.21 -19.92
CA MET A 262 -10.78 -39.57 -20.71
C MET A 262 -10.33 -39.43 -22.17
N ASP A 263 -11.29 -39.50 -23.08
CA ASP A 263 -11.02 -39.33 -24.51
C ASP A 263 -10.86 -37.83 -24.83
N ARG A 264 -10.26 -37.51 -25.99
CA ARG A 264 -10.04 -36.15 -26.44
C ARG A 264 -11.35 -35.39 -26.65
N PRO A 265 -11.57 -34.23 -25.96
CA PRO A 265 -12.79 -33.42 -26.20
C PRO A 265 -13.11 -33.16 -27.70
N PRO A 266 -14.41 -33.08 -28.09
CA PRO A 266 -14.77 -32.95 -29.51
C PRO A 266 -13.92 -32.14 -30.49
N HIS A 267 -13.47 -30.93 -30.12
CA HIS A 267 -12.69 -30.12 -31.07
C HIS A 267 -11.45 -29.52 -30.44
N CYS A 268 -10.79 -30.35 -29.61
CA CYS A 268 -9.61 -30.02 -28.85
C CYS A 268 -8.36 -30.40 -29.63
N PRO A 269 -7.38 -29.48 -29.82
CA PRO A 269 -6.16 -29.87 -30.56
C PRO A 269 -5.25 -30.85 -29.79
N PRO A 270 -4.61 -31.82 -30.51
CA PRO A 270 -3.78 -32.84 -29.82
C PRO A 270 -2.66 -32.38 -28.90
N GLU A 271 -2.13 -31.14 -29.10
CA GLU A 271 -1.10 -30.56 -28.24
C GLU A 271 -1.69 -30.46 -26.82
N LEU A 272 -2.93 -29.92 -26.72
CA LEU A 272 -3.62 -29.76 -25.44
C LEU A 272 -4.03 -31.06 -24.84
N TYR A 273 -4.49 -32.02 -25.67
CA TYR A 273 -4.83 -33.37 -25.20
C TYR A 273 -3.59 -34.12 -24.70
N GLY A 274 -2.47 -33.97 -25.42
CA GLY A 274 -1.19 -34.55 -25.04
C GLY A 274 -0.79 -34.09 -23.65
N LEU A 275 -1.06 -32.79 -23.35
CA LEU A 275 -0.76 -32.21 -22.04
C LEU A 275 -1.66 -32.81 -20.97
N MET A 276 -2.98 -32.96 -21.26
CA MET A 276 -3.93 -33.59 -20.36
C MET A 276 -3.45 -34.97 -20.00
N ARG A 277 -3.20 -35.83 -21.01
CA ARG A 277 -2.69 -37.19 -20.83
C ARG A 277 -1.40 -37.22 -20.01
N GLU A 278 -0.45 -36.28 -20.26
CA GLU A 278 0.81 -36.18 -19.49
C GLU A 278 0.50 -35.91 -18.00
N CYS A 279 -0.50 -35.04 -17.72
CA CYS A 279 -0.94 -34.70 -16.37
C CYS A 279 -1.52 -35.95 -15.66
N TRP A 280 -2.08 -36.87 -16.44
CA TRP A 280 -2.64 -38.10 -15.92
C TRP A 280 -1.77 -39.34 -15.96
N HIS A 281 -0.42 -39.22 -16.01
CA HIS A 281 0.44 -40.39 -15.91
C HIS A 281 0.30 -40.86 -14.46
N ALA A 282 0.16 -42.17 -14.25
CA ALA A 282 0.03 -42.79 -12.94
C ALA A 282 1.18 -42.37 -12.01
N ALA A 283 2.45 -42.45 -12.51
CA ALA A 283 3.65 -42.06 -11.78
C ALA A 283 3.76 -40.52 -11.65
N PRO A 284 3.73 -40.01 -10.39
CA PRO A 284 3.89 -38.55 -10.15
C PRO A 284 5.07 -37.88 -10.83
N SER A 285 6.25 -38.52 -10.83
CA SER A 285 7.47 -37.98 -11.46
C SER A 285 7.37 -37.89 -13.00
N GLN A 286 6.39 -38.60 -13.61
CA GLN A 286 6.18 -38.63 -15.07
C GLN A 286 5.19 -37.56 -15.53
N ARG A 287 4.47 -36.96 -14.57
CA ARG A 287 3.55 -35.89 -14.87
C ARG A 287 4.38 -34.59 -15.07
N PRO A 288 3.97 -33.61 -15.91
CA PRO A 288 4.77 -32.36 -16.02
C PRO A 288 4.81 -31.56 -14.72
N THR A 289 5.72 -30.60 -14.63
CA THR A 289 5.72 -29.71 -13.46
C THR A 289 4.85 -28.49 -13.85
N PHE A 290 4.57 -27.60 -12.93
CA PHE A 290 3.82 -26.40 -13.30
C PHE A 290 4.65 -25.46 -14.18
N LYS A 291 6.00 -25.55 -14.09
CA LYS A 291 6.93 -24.77 -14.91
C LYS A 291 6.79 -25.22 -16.41
N GLN A 292 6.84 -26.56 -16.67
CA GLN A 292 6.64 -27.12 -18.00
C GLN A 292 5.26 -26.77 -18.58
N LEU A 293 4.22 -26.87 -17.77
CA LEU A 293 2.83 -26.55 -18.14
C LEU A 293 2.69 -25.10 -18.52
N VAL A 294 3.37 -24.19 -17.81
CA VAL A 294 3.40 -22.76 -18.15
C VAL A 294 4.14 -22.55 -19.50
N GLU A 295 5.28 -23.22 -19.71
CA GLU A 295 6.07 -23.15 -20.96
C GLU A 295 5.28 -23.68 -22.14
N ALA A 296 4.61 -24.80 -21.94
CA ALA A 296 3.79 -25.47 -22.97
C ALA A 296 2.54 -24.66 -23.29
N LEU A 297 1.83 -24.15 -22.27
CA LEU A 297 0.62 -23.35 -22.48
C LEU A 297 0.93 -21.98 -23.11
N ASP A 298 2.13 -21.44 -22.86
CA ASP A 298 2.57 -20.17 -23.44
C ASP A 298 2.79 -20.32 -24.93
N LYS A 299 3.39 -21.47 -25.34
CA LYS A 299 3.62 -21.82 -26.74
C LYS A 299 2.31 -21.96 -27.51
N VAL A 300 1.28 -22.58 -26.91
CA VAL A 300 -0.06 -22.72 -27.51
C VAL A 300 -0.67 -21.33 -27.66
N LEU A 301 -0.53 -20.48 -26.62
CA LEU A 301 -1.00 -19.11 -26.65
C LEU A 301 -0.36 -18.30 -27.76
N LEU A 302 0.99 -18.34 -27.97
CA LEU A 302 1.52 -17.64 -29.13
C LEU A 302 1.08 -18.23 -30.47
N ALA A 303 0.96 -19.56 -30.56
CA ALA A 303 0.49 -20.25 -31.77
C ALA A 303 -0.94 -19.83 -32.15
N VAL A 304 -1.85 -19.68 -31.15
CA VAL A 304 -3.24 -19.23 -31.39
C VAL A 304 -3.36 -17.72 -31.64
N SER A 305 -2.34 -16.95 -31.24
CA SER A 305 -2.33 -15.48 -31.39
C SER A 305 -1.57 -14.93 -32.62
N GLU A 306 -0.49 -15.63 -33.06
CA GLU A 306 0.35 -15.17 -34.19
C GLU A 306 -0.33 -15.06 -35.57
N GLU A 307 -1.06 -16.11 -35.99
CA GLU A 307 -1.74 -16.13 -37.29
C GLU A 307 -3.25 -16.14 -37.10
N PRO B 2 -10.63 42.25 0.04
CA PRO B 2 -9.80 41.54 1.04
C PRO B 2 -10.48 41.46 2.40
N LEU B 3 -10.86 40.25 2.82
CA LEU B 3 -11.59 39.98 4.07
C LEU B 3 -10.83 40.36 5.34
N VAL B 4 -11.51 41.11 6.22
CA VAL B 4 -10.97 41.62 7.48
C VAL B 4 -11.90 41.26 8.63
N SER B 5 -11.34 40.66 9.70
CA SER B 5 -12.09 40.35 10.91
C SER B 5 -12.10 41.61 11.79
N LEU B 6 -13.22 41.80 12.49
CA LEU B 6 -13.44 42.97 13.34
C LEU B 6 -13.39 42.61 14.84
N ASP B 7 -13.39 41.31 15.16
CA ASP B 7 -13.38 40.81 16.54
C ASP B 7 -12.26 39.78 16.80
N LEU B 8 -11.02 40.16 16.44
CA LEU B 8 -9.79 39.39 16.65
C LEU B 8 -9.11 40.12 17.80
N PRO B 9 -8.82 39.46 18.93
CA PRO B 9 -8.24 40.19 20.08
C PRO B 9 -6.77 40.63 19.95
N LEU B 10 -6.47 41.78 20.57
CA LEU B 10 -5.15 42.37 20.66
C LEU B 10 -4.34 41.50 21.67
N ASP B 11 -3.54 40.56 21.13
CA ASP B 11 -2.70 39.66 21.93
C ASP B 11 -1.43 40.43 22.22
N PRO B 12 -1.17 40.78 23.50
CA PRO B 12 -0.01 41.64 23.83
C PRO B 12 1.34 40.98 23.62
N LEU B 13 1.34 39.67 23.66
CA LEU B 13 2.50 38.81 23.47
C LEU B 13 2.89 38.73 21.99
N TRP B 14 1.94 38.98 21.06
CA TRP B 14 2.15 38.76 19.63
C TRP B 14 1.87 39.91 18.68
N GLU B 15 0.99 40.88 19.08
CA GLU B 15 0.63 41.97 18.20
C GLU B 15 1.80 42.85 17.87
N PHE B 16 2.05 43.06 16.57
CA PHE B 16 3.15 43.87 16.05
C PHE B 16 2.52 44.98 15.21
N PRO B 17 3.03 46.23 15.23
CA PRO B 17 2.39 47.30 14.43
C PRO B 17 2.65 47.12 12.93
N ARG B 18 1.55 47.09 12.12
CA ARG B 18 1.66 46.92 10.66
C ARG B 18 2.50 47.97 9.93
N ASP B 19 2.69 49.16 10.52
CA ASP B 19 3.51 50.22 9.88
C ASP B 19 5.02 50.06 10.10
N ARG B 20 5.42 48.98 10.82
CA ARG B 20 6.81 48.58 11.06
C ARG B 20 7.07 47.40 10.12
N LEU B 21 6.13 47.18 9.17
CA LEU B 21 6.16 46.08 8.21
C LEU B 21 5.96 46.56 6.77
N VAL B 22 7.06 46.61 6.00
CA VAL B 22 6.98 46.97 4.59
C VAL B 22 6.97 45.69 3.75
N LEU B 23 5.79 45.37 3.19
CA LEU B 23 5.58 44.16 2.39
C LEU B 23 6.24 44.29 1.03
N GLY B 24 6.97 43.25 0.65
CA GLY B 24 7.70 43.18 -0.60
C GLY B 24 7.08 42.26 -1.62
N LYS B 25 7.93 41.66 -2.46
CA LYS B 25 7.48 40.79 -3.53
C LYS B 25 6.95 39.48 -2.98
N PRO B 26 5.90 38.90 -3.59
CA PRO B 26 5.39 37.62 -3.08
C PRO B 26 6.32 36.46 -3.34
N LEU B 27 6.41 35.60 -2.33
CA LEU B 27 7.12 34.33 -2.29
C LEU B 27 5.98 33.34 -2.57
N GLY B 28 4.78 33.89 -2.38
CA GLY B 28 3.41 33.40 -2.49
C GLY B 28 3.04 32.04 -3.00
N GLU B 29 1.89 31.58 -2.50
CA GLU B 29 1.20 30.33 -2.84
C GLU B 29 0.05 30.77 -3.75
N GLY B 30 -0.71 29.79 -4.21
CA GLY B 30 -1.90 30.05 -5.00
C GLY B 30 -3.12 29.96 -4.12
N CYS B 31 -4.30 29.87 -4.76
CA CYS B 31 -5.65 29.71 -4.19
C CYS B 31 -5.90 30.25 -2.77
N PHE B 32 -6.46 31.47 -2.67
CA PHE B 32 -6.85 32.19 -1.45
C PHE B 32 -5.77 32.57 -0.42
N GLY B 33 -4.66 31.81 -0.36
CA GLY B 33 -3.54 32.03 0.56
C GLY B 33 -2.66 33.21 0.23
N GLN B 34 -1.36 32.98 0.02
CA GLN B 34 -0.25 33.88 -0.31
C GLN B 34 0.71 34.29 0.84
N VAL B 35 2.02 34.05 0.63
CA VAL B 35 3.13 34.36 1.56
C VAL B 35 3.97 35.45 0.87
N VAL B 36 4.18 36.61 1.53
CA VAL B 36 4.99 37.66 0.90
C VAL B 36 6.24 37.96 1.74
N ARG B 37 7.33 38.38 1.07
CA ARG B 37 8.57 38.75 1.74
C ARG B 37 8.30 40.11 2.34
N ALA B 38 8.87 40.38 3.51
CA ALA B 38 8.71 41.69 4.13
C ALA B 38 9.93 42.07 4.90
N GLU B 39 10.11 43.37 5.13
CA GLU B 39 11.19 43.90 5.94
C GLU B 39 10.52 44.45 7.17
N ALA B 40 10.83 43.85 8.34
CA ALA B 40 10.26 44.20 9.64
C ALA B 40 11.23 44.97 10.52
N PHE B 41 10.78 46.09 11.11
CA PHE B 41 11.59 46.92 12.02
C PHE B 41 11.20 46.66 13.47
N GLY B 42 12.11 46.08 14.23
CA GLY B 42 11.86 45.78 15.62
C GLY B 42 11.14 44.48 15.92
N MET B 43 11.30 43.46 15.03
CA MET B 43 10.76 42.11 15.25
C MET B 43 11.31 41.55 16.57
N ASP B 44 12.54 41.95 16.93
CA ASP B 44 13.17 41.68 18.21
C ASP B 44 12.93 42.97 19.06
N PRO B 45 12.07 42.94 20.11
CA PRO B 45 11.76 44.17 20.88
C PRO B 45 12.95 44.90 21.49
N ALA B 46 14.05 44.16 21.77
CA ALA B 46 15.30 44.67 22.35
C ALA B 46 16.15 45.47 21.33
N ARG B 47 15.88 45.25 20.00
CA ARG B 47 16.51 45.94 18.85
C ARG B 47 15.37 46.60 18.02
N PRO B 48 14.73 47.68 18.55
CA PRO B 48 13.54 48.26 17.88
C PRO B 48 13.68 48.90 16.49
N ASP B 49 14.90 49.29 16.08
CA ASP B 49 15.11 49.93 14.78
C ASP B 49 15.99 49.13 13.84
N GLN B 50 16.13 47.86 14.17
CA GLN B 50 16.86 46.84 13.46
C GLN B 50 15.87 46.20 12.47
N ALA B 51 16.32 46.06 11.22
CA ALA B 51 15.57 45.44 10.15
C ALA B 51 15.89 43.95 10.05
N SER B 52 14.90 43.16 9.65
CA SER B 52 15.04 41.72 9.41
C SER B 52 14.06 41.35 8.30
N THR B 53 14.37 40.26 7.58
CA THR B 53 13.51 39.76 6.50
C THR B 53 12.70 38.63 7.04
N VAL B 54 11.39 38.80 6.94
CA VAL B 54 10.35 37.91 7.45
C VAL B 54 9.40 37.51 6.30
N ALA B 55 8.67 36.40 6.47
CA ALA B 55 7.68 35.93 5.50
C ALA B 55 6.31 36.24 6.11
N VAL B 56 5.47 36.97 5.39
CA VAL B 56 4.15 37.33 5.91
C VAL B 56 3.08 36.48 5.26
N LYS B 57 2.36 35.68 6.08
CA LYS B 57 1.24 34.87 5.61
C LYS B 57 -0.01 35.76 5.66
N MET B 58 -0.83 35.71 4.60
CA MET B 58 -2.04 36.52 4.52
C MET B 58 -3.08 35.89 3.59
N LEU B 59 -4.23 36.55 3.44
CA LEU B 59 -5.31 36.11 2.58
C LEU B 59 -5.27 36.87 1.27
N LYS B 60 -5.75 36.23 0.21
CA LYS B 60 -5.91 36.82 -1.11
C LYS B 60 -7.31 37.46 -1.13
N ASP B 61 -7.60 38.33 -2.12
CA ASP B 61 -8.89 39.02 -2.23
C ASP B 61 -10.11 38.10 -2.37
N ASN B 62 -9.91 36.87 -2.87
CA ASN B 62 -10.93 35.85 -3.09
C ASN B 62 -11.09 34.88 -1.90
N ALA B 63 -10.36 35.13 -0.79
CA ALA B 63 -10.45 34.30 0.42
C ALA B 63 -11.81 34.48 1.09
N SER B 64 -12.42 33.35 1.49
CA SER B 64 -13.72 33.32 2.14
C SER B 64 -13.60 33.35 3.68
N ASP B 65 -14.78 33.31 4.34
CA ASP B 65 -15.00 33.25 5.79
C ASP B 65 -14.23 32.07 6.41
N LYS B 66 -14.19 30.92 5.69
CA LYS B 66 -13.50 29.71 6.13
C LYS B 66 -11.97 29.85 6.05
N ASP B 67 -11.48 30.55 5.00
CA ASP B 67 -10.05 30.81 4.78
C ASP B 67 -9.50 31.67 5.91
N LEU B 68 -10.28 32.69 6.34
CA LEU B 68 -9.94 33.58 7.46
C LEU B 68 -9.82 32.77 8.76
N ALA B 69 -10.82 31.90 9.04
CA ALA B 69 -10.86 31.03 10.20
C ALA B 69 -9.69 30.04 10.22
N ASP B 70 -9.29 29.53 9.03
CA ASP B 70 -8.14 28.63 8.88
C ASP B 70 -6.83 29.37 9.24
N LEU B 71 -6.66 30.61 8.76
CA LEU B 71 -5.49 31.43 9.06
C LEU B 71 -5.43 31.84 10.56
N VAL B 72 -6.59 32.20 11.15
CA VAL B 72 -6.68 32.53 12.59
C VAL B 72 -6.25 31.29 13.43
N SER B 73 -6.74 30.08 13.06
CA SER B 73 -6.44 28.80 13.73
C SER B 73 -4.95 28.44 13.65
N GLU B 74 -4.31 28.68 12.48
CA GLU B 74 -2.90 28.45 12.14
C GLU B 74 -2.03 29.28 13.07
N MET B 75 -2.34 30.58 13.16
CA MET B 75 -1.73 31.58 14.03
C MET B 75 -1.80 31.10 15.50
N GLU B 76 -2.98 30.60 15.92
CA GLU B 76 -3.24 30.15 17.30
C GLU B 76 -2.50 28.86 17.67
N VAL B 77 -2.43 27.91 16.72
CA VAL B 77 -1.72 26.65 16.93
C VAL B 77 -0.22 26.96 17.06
N MET B 78 0.28 27.91 16.26
CA MET B 78 1.68 28.37 16.30
C MET B 78 2.07 28.96 17.65
N LYS B 79 1.19 29.78 18.25
CA LYS B 79 1.40 30.35 19.60
C LYS B 79 1.41 29.21 20.65
N LEU B 80 0.51 28.22 20.49
CA LEU B 80 0.38 27.10 21.40
C LEU B 80 1.63 26.23 21.40
N ILE B 81 2.05 25.74 20.22
CA ILE B 81 3.21 24.85 19.99
C ILE B 81 4.50 25.43 20.59
N GLY B 82 4.65 26.76 20.57
CA GLY B 82 5.84 27.39 21.12
C GLY B 82 6.98 27.40 20.13
N ARG B 83 8.10 27.97 20.55
CA ARG B 83 9.28 28.21 19.75
C ARG B 83 10.31 27.06 19.78
N HIS B 84 10.95 26.80 18.64
CA HIS B 84 12.05 25.85 18.49
C HIS B 84 12.90 26.30 17.32
N LYS B 85 14.22 26.08 17.44
CA LYS B 85 15.22 26.40 16.42
C LYS B 85 14.90 25.75 15.07
N ASN B 86 14.36 24.52 15.10
CA ASN B 86 14.12 23.69 13.93
C ASN B 86 12.69 23.60 13.44
N ILE B 87 11.89 24.62 13.74
CA ILE B 87 10.52 24.73 13.25
C ILE B 87 10.33 26.14 12.74
N ILE B 88 9.49 26.38 11.72
CA ILE B 88 9.25 27.76 11.30
C ILE B 88 8.50 28.40 12.47
N ASN B 89 9.09 29.45 13.06
CA ASN B 89 8.51 30.14 14.21
C ASN B 89 7.66 31.31 13.79
N LEU B 90 6.66 31.56 14.60
CA LEU B 90 5.80 32.72 14.50
C LEU B 90 6.62 33.84 15.14
N LEU B 91 6.68 34.99 14.47
CA LEU B 91 7.47 36.15 14.92
C LEU B 91 6.58 37.24 15.50
N GLY B 92 5.37 37.32 14.99
CA GLY B 92 4.37 38.28 15.41
C GLY B 92 3.16 38.18 14.52
N VAL B 93 2.16 39.04 14.82
CA VAL B 93 0.85 39.12 14.13
C VAL B 93 0.37 40.59 14.02
N CYS B 94 -0.48 40.86 13.01
CA CYS B 94 -1.10 42.16 12.71
C CYS B 94 -2.57 41.86 12.52
N THR B 95 -3.39 42.11 13.59
CA THR B 95 -4.81 41.75 13.61
C THR B 95 -5.81 42.92 13.71
N GLN B 96 -5.37 44.06 14.28
CA GLN B 96 -6.17 45.24 14.63
C GLN B 96 -6.62 46.24 13.56
N GLU B 97 -5.66 46.89 12.85
CA GLU B 97 -5.93 47.96 11.87
C GLU B 97 -6.00 47.56 10.39
N GLY B 98 -6.36 46.30 10.11
CA GLY B 98 -6.50 45.83 8.74
C GLY B 98 -6.49 44.32 8.53
N PRO B 99 -6.10 43.86 7.32
CA PRO B 99 -6.09 42.40 7.07
C PRO B 99 -5.13 41.63 7.98
N LEU B 100 -5.50 40.40 8.34
CA LEU B 100 -4.67 39.54 9.19
C LEU B 100 -3.33 39.21 8.53
N TYR B 101 -2.24 39.52 9.25
CA TYR B 101 -0.88 39.23 8.85
C TYR B 101 -0.27 38.29 9.91
N VAL B 102 0.15 37.11 9.49
CA VAL B 102 0.80 36.09 10.33
C VAL B 102 2.30 36.08 9.88
N ILE B 103 3.13 36.77 10.63
CA ILE B 103 4.56 36.96 10.35
C ILE B 103 5.36 35.77 10.90
N VAL B 104 5.94 34.98 9.99
CA VAL B 104 6.70 33.78 10.34
C VAL B 104 8.14 33.94 9.90
N GLU B 105 9.05 33.05 10.35
CA GLU B 105 10.46 33.10 9.92
C GLU B 105 10.58 32.86 8.44
N CYS B 106 11.44 33.62 7.80
CA CYS B 106 11.71 33.49 6.38
C CYS B 106 12.94 32.54 6.19
N ALA B 107 12.82 31.60 5.25
CA ALA B 107 13.87 30.62 4.93
C ALA B 107 14.30 30.83 3.48
N ALA B 108 15.38 31.60 3.30
CA ALA B 108 15.92 32.04 2.00
C ALA B 108 16.36 31.00 0.99
N LYS B 109 16.73 29.79 1.44
CA LYS B 109 17.21 28.74 0.55
C LYS B 109 16.17 27.74 0.08
N GLY B 110 14.90 28.06 0.29
CA GLY B 110 13.77 27.22 -0.13
C GLY B 110 13.66 25.93 0.66
N ASN B 111 12.92 24.94 0.11
CA ASN B 111 12.76 23.66 0.78
C ASN B 111 14.00 22.77 0.71
N LEU B 112 14.08 21.79 1.62
CA LEU B 112 15.22 20.87 1.68
C LEU B 112 15.44 20.05 0.38
N ARG B 113 14.37 19.57 -0.26
CA ARG B 113 14.48 18.84 -1.53
C ARG B 113 15.11 19.76 -2.60
N GLU B 114 14.63 21.02 -2.72
CA GLU B 114 15.18 21.96 -3.71
C GLU B 114 16.63 22.38 -3.39
N PHE B 115 16.94 22.57 -2.10
CA PHE B 115 18.27 22.94 -1.61
C PHE B 115 19.29 21.85 -1.97
N LEU B 116 18.96 20.57 -1.71
CA LEU B 116 19.85 19.44 -2.02
C LEU B 116 19.96 19.21 -3.54
N ARG B 117 18.84 19.24 -4.27
CA ARG B 117 18.81 19.03 -5.73
C ARG B 117 19.65 20.07 -6.50
N ALA B 118 19.74 21.33 -5.97
CA ALA B 118 20.50 22.42 -6.59
C ALA B 118 22.01 22.38 -6.27
N ARG B 119 22.38 21.82 -5.10
CA ARG B 119 23.77 21.70 -4.63
C ARG B 119 24.37 20.36 -4.99
N ARG B 120 23.60 19.57 -5.76
CA ARG B 120 23.95 18.26 -6.30
C ARG B 120 25.08 18.45 -7.33
N PRO B 121 26.29 17.87 -7.09
CA PRO B 121 27.38 18.02 -8.08
C PRO B 121 27.04 17.29 -9.39
N PRO B 122 27.26 17.92 -10.57
CA PRO B 122 26.89 17.23 -11.83
C PRO B 122 27.84 16.09 -12.17
N PRO B 137 30.90 22.75 -1.88
CA PRO B 137 30.17 21.48 -1.98
C PRO B 137 29.39 21.17 -0.71
N LEU B 138 28.24 20.46 -0.84
CA LEU B 138 27.44 20.06 0.33
C LEU B 138 27.85 18.68 0.83
N SER B 139 28.94 18.69 1.60
CA SER B 139 29.67 17.56 2.16
C SER B 139 28.86 16.66 3.07
N PHE B 140 29.51 15.61 3.59
CA PHE B 140 28.93 14.66 4.53
C PHE B 140 28.52 15.31 5.88
N PRO B 141 29.35 16.16 6.54
CA PRO B 141 28.90 16.82 7.78
C PRO B 141 27.65 17.70 7.63
N VAL B 142 27.42 18.28 6.42
CA VAL B 142 26.25 19.13 6.14
C VAL B 142 24.96 18.31 6.07
N LEU B 143 25.02 17.11 5.45
CA LEU B 143 23.90 16.20 5.33
C LEU B 143 23.48 15.59 6.66
N VAL B 144 24.46 15.27 7.53
CA VAL B 144 24.21 14.66 8.85
C VAL B 144 23.53 15.70 9.71
N SER B 145 24.01 16.95 9.61
CA SER B 145 23.51 18.11 10.32
C SER B 145 22.04 18.34 9.95
N CYS B 146 21.68 18.25 8.63
CA CYS B 146 20.29 18.38 8.15
C CYS B 146 19.41 17.34 8.82
N ALA B 147 19.83 16.06 8.74
CA ALA B 147 19.15 14.87 9.28
C ALA B 147 18.91 15.08 10.76
N TYR B 148 20.00 15.42 11.49
CA TYR B 148 20.00 15.73 12.92
C TYR B 148 19.01 16.85 13.32
N GLN B 149 19.02 17.95 12.55
CA GLN B 149 18.17 19.12 12.78
C GLN B 149 16.70 18.81 12.64
N VAL B 150 16.29 18.10 11.55
CA VAL B 150 14.89 17.67 11.31
C VAL B 150 14.46 16.76 12.48
N ALA B 151 15.36 15.85 12.95
CA ALA B 151 15.06 14.95 14.07
C ALA B 151 14.81 15.77 15.34
N ARG B 152 15.64 16.80 15.58
CA ARG B 152 15.46 17.69 16.75
C ARG B 152 14.11 18.43 16.72
N GLY B 153 13.73 18.93 15.53
CA GLY B 153 12.45 19.60 15.34
C GLY B 153 11.25 18.70 15.57
N MET B 154 11.37 17.41 15.13
CA MET B 154 10.32 16.40 15.28
C MET B 154 10.16 15.94 16.72
N GLN B 155 11.28 15.77 17.43
CA GLN B 155 11.29 15.45 18.87
C GLN B 155 10.56 16.60 19.64
N TYR B 156 10.70 17.86 19.19
CA TYR B 156 10.00 19.00 19.79
C TYR B 156 8.50 18.95 19.48
N LEU B 157 8.12 18.85 18.18
CA LEU B 157 6.72 18.81 17.79
C LEU B 157 5.97 17.70 18.51
N GLU B 158 6.59 16.50 18.60
CA GLU B 158 6.12 15.33 19.32
C GLU B 158 5.90 15.67 20.82
N SER B 159 6.85 16.36 21.45
CA SER B 159 6.72 16.76 22.87
C SER B 159 5.60 17.78 23.08
N ARG B 160 5.20 18.47 22.00
CA ARG B 160 4.11 19.44 22.06
C ARG B 160 2.81 18.80 21.55
N LYS B 161 2.71 17.44 21.65
CA LYS B 161 1.55 16.59 21.28
C LYS B 161 1.06 16.90 19.87
N CYS B 162 2.00 17.11 18.96
CA CYS B 162 1.78 17.49 17.59
C CYS B 162 2.18 16.34 16.62
N ILE B 163 1.20 15.77 15.89
CA ILE B 163 1.45 14.70 14.92
C ILE B 163 1.44 15.26 13.50
N HIS B 164 2.64 15.40 12.93
CA HIS B 164 2.91 15.98 11.60
C HIS B 164 2.12 15.45 10.39
N ARG B 165 1.98 14.12 10.22
CA ARG B 165 1.24 13.48 9.09
C ARG B 165 1.83 13.71 7.66
N ASP B 166 2.71 14.72 7.46
CA ASP B 166 3.28 14.98 6.12
C ASP B 166 4.79 15.28 6.16
N LEU B 167 5.57 14.37 6.77
CA LEU B 167 7.01 14.57 6.87
C LEU B 167 7.82 14.15 5.64
N ALA B 168 8.10 15.13 4.77
CA ALA B 168 8.88 14.98 3.57
C ALA B 168 9.85 16.18 3.46
N ALA B 169 10.97 16.02 2.71
CA ALA B 169 11.97 17.07 2.51
C ALA B 169 11.35 18.36 1.96
N ARG B 170 10.31 18.23 1.14
CA ARG B 170 9.60 19.35 0.53
C ARG B 170 8.90 20.23 1.60
N ASN B 171 8.67 19.67 2.81
CA ASN B 171 8.02 20.32 3.96
C ASN B 171 8.98 20.84 5.04
N VAL B 172 10.29 20.81 4.73
CA VAL B 172 11.37 21.31 5.59
C VAL B 172 11.96 22.46 4.80
N LEU B 173 12.06 23.62 5.43
CA LEU B 173 12.57 24.83 4.81
C LEU B 173 13.98 25.08 5.28
N VAL B 174 14.80 25.72 4.43
CA VAL B 174 16.23 25.92 4.75
C VAL B 174 16.53 27.41 4.78
N THR B 175 17.02 27.89 5.93
CA THR B 175 17.37 29.32 6.08
C THR B 175 18.75 29.63 5.42
N GLU B 176 19.09 30.94 5.36
CA GLU B 176 20.35 31.46 4.85
C GLU B 176 21.57 30.82 5.54
N ASP B 177 21.43 30.43 6.83
CA ASP B 177 22.48 29.85 7.67
C ASP B 177 22.50 28.31 7.70
N ASN B 178 21.74 27.66 6.80
CA ASN B 178 21.65 26.18 6.73
C ASN B 178 20.95 25.55 7.93
N VAL B 179 20.01 26.29 8.51
CA VAL B 179 19.18 25.84 9.62
C VAL B 179 17.92 25.25 9.00
N MET B 180 17.62 24.01 9.38
CA MET B 180 16.45 23.26 8.93
C MET B 180 15.26 23.66 9.77
N LYS B 181 14.18 24.03 9.10
CA LYS B 181 12.99 24.42 9.81
C LYS B 181 11.78 23.69 9.24
N ILE B 182 11.11 22.85 10.09
CA ILE B 182 9.92 22.09 9.69
C ILE B 182 8.77 23.05 9.53
N ALA B 183 8.14 23.04 8.36
CA ALA B 183 7.02 23.89 7.99
C ALA B 183 5.72 23.09 8.01
N ASP B 184 4.59 23.79 8.07
CA ASP B 184 3.24 23.21 8.05
C ASP B 184 3.07 22.01 9.00
N PHE B 185 3.18 22.28 10.31
CA PHE B 185 3.04 21.33 11.41
C PHE B 185 1.82 21.71 12.25
N ARG B 204 -4.78 12.85 -4.31
CA ARG B 204 -3.49 12.17 -4.22
C ARG B 204 -2.74 12.43 -2.89
N LEU B 205 -2.35 11.35 -2.20
CA LEU B 205 -1.63 11.39 -0.93
C LEU B 205 -0.12 11.06 -1.14
N PRO B 206 0.79 11.59 -0.28
CA PRO B 206 2.21 11.19 -0.38
C PRO B 206 2.42 9.79 0.21
N VAL B 207 1.96 8.76 -0.53
CA VAL B 207 2.01 7.35 -0.15
C VAL B 207 3.41 6.82 0.08
N LYS B 208 4.40 7.33 -0.68
CA LYS B 208 5.81 6.95 -0.60
C LYS B 208 6.41 7.35 0.75
N TRP B 209 5.77 8.32 1.45
CA TRP B 209 6.18 8.84 2.77
C TRP B 209 5.35 8.29 3.92
N MET B 210 4.26 7.57 3.62
CA MET B 210 3.36 7.07 4.66
C MET B 210 3.68 5.67 5.18
N ALA B 211 3.54 5.51 6.49
CA ALA B 211 3.68 4.26 7.21
C ALA B 211 2.48 3.35 6.81
N PRO B 212 2.62 2.01 6.88
CA PRO B 212 1.51 1.14 6.49
C PRO B 212 0.23 1.34 7.30
N GLU B 213 0.33 1.46 8.63
CA GLU B 213 -0.85 1.71 9.46
C GLU B 213 -1.57 3.03 9.06
N ALA B 214 -0.81 4.01 8.51
CA ALA B 214 -1.34 5.30 8.03
C ALA B 214 -2.00 5.12 6.65
N LEU B 215 -1.34 4.33 5.79
CA LEU B 215 -1.77 3.99 4.42
C LEU B 215 -3.11 3.28 4.43
N PHE B 216 -3.14 2.11 5.07
CA PHE B 216 -4.28 1.21 5.09
C PHE B 216 -5.37 1.53 6.11
N ASP B 217 -4.99 1.80 7.37
CA ASP B 217 -5.94 2.00 8.46
C ASP B 217 -6.16 3.48 8.88
N ARG B 218 -5.61 4.47 8.11
CA ARG B 218 -5.73 5.93 8.40
C ARG B 218 -5.26 6.28 9.84
N VAL B 219 -4.31 5.50 10.40
CA VAL B 219 -3.80 5.67 11.75
C VAL B 219 -2.54 6.54 11.70
N TYR B 220 -2.64 7.80 12.20
CA TYR B 220 -1.52 8.74 12.23
C TYR B 220 -1.06 8.88 13.66
N THR B 221 0.19 8.50 13.87
CA THR B 221 0.83 8.41 15.18
C THR B 221 2.28 8.97 15.14
N HIS B 222 2.94 9.13 16.30
CA HIS B 222 4.33 9.55 16.42
C HIS B 222 5.28 8.50 15.78
N GLN B 223 4.92 7.21 15.88
CA GLN B 223 5.70 6.13 15.27
C GLN B 223 5.55 6.08 13.76
N SER B 224 4.47 6.67 13.21
CA SER B 224 4.30 6.73 11.76
C SER B 224 5.10 7.87 11.17
N ASP B 225 5.38 8.91 12.00
CA ASP B 225 6.18 10.08 11.67
C ASP B 225 7.62 9.63 11.58
N VAL B 226 8.01 8.68 12.44
CA VAL B 226 9.34 8.04 12.43
C VAL B 226 9.56 7.32 11.08
N TRP B 227 8.53 6.64 10.53
CA TRP B 227 8.59 5.99 9.22
C TRP B 227 8.89 7.04 8.15
N SER B 228 8.15 8.17 8.19
CA SER B 228 8.29 9.27 7.25
C SER B 228 9.69 9.88 7.33
N PHE B 229 10.24 10.03 8.54
CA PHE B 229 11.60 10.51 8.75
C PHE B 229 12.63 9.60 8.07
N GLY B 230 12.37 8.29 8.09
CA GLY B 230 13.18 7.29 7.41
C GLY B 230 13.29 7.57 5.93
N ILE B 231 12.15 7.93 5.28
CA ILE B 231 12.02 8.32 3.87
C ILE B 231 12.75 9.62 3.67
N LEU B 232 12.52 10.60 4.57
CA LEU B 232 13.22 11.89 4.57
C LEU B 232 14.77 11.67 4.64
N LEU B 233 15.26 10.76 5.52
CA LEU B 233 16.69 10.41 5.62
C LEU B 233 17.21 9.97 4.25
N TRP B 234 16.51 9.01 3.60
CA TRP B 234 16.84 8.52 2.25
C TRP B 234 16.89 9.68 1.25
N GLU B 235 15.92 10.63 1.28
CA GLU B 235 15.90 11.82 0.42
C GLU B 235 17.14 12.69 0.61
N ILE B 236 17.63 12.84 1.86
CA ILE B 236 18.83 13.64 2.16
C ILE B 236 20.06 12.97 1.55
N PHE B 237 20.27 11.68 1.89
CA PHE B 237 21.40 10.87 1.46
C PHE B 237 21.45 10.52 -0.01
N THR B 238 20.37 10.82 -0.75
CA THR B 238 20.31 10.65 -2.20
C THR B 238 20.39 12.02 -2.84
N LEU B 239 20.60 13.05 -2.00
CA LEU B 239 20.69 14.48 -2.39
C LEU B 239 19.43 14.94 -3.10
N GLY B 240 18.28 14.61 -2.53
CA GLY B 240 16.97 14.97 -3.04
C GLY B 240 16.31 14.01 -4.00
N GLY B 241 16.64 12.72 -3.89
CA GLY B 241 16.07 11.66 -4.74
C GLY B 241 14.60 11.37 -4.50
N SER B 242 13.89 10.93 -5.54
CA SER B 242 12.47 10.54 -5.45
C SER B 242 12.43 9.12 -4.88
N PRO B 243 11.71 8.89 -3.75
CA PRO B 243 11.69 7.54 -3.15
C PRO B 243 11.04 6.51 -4.04
N TYR B 244 11.44 5.23 -3.87
CA TYR B 244 11.02 4.06 -4.63
C TYR B 244 11.18 4.37 -6.14
N PRO B 245 12.43 4.62 -6.63
CA PRO B 245 12.60 4.97 -8.05
C PRO B 245 12.35 3.76 -8.97
N GLY B 246 11.52 4.00 -9.99
CA GLY B 246 11.16 3.00 -10.98
C GLY B 246 10.09 2.04 -10.52
N ILE B 247 9.53 2.31 -9.31
CA ILE B 247 8.45 1.53 -8.70
C ILE B 247 7.18 2.40 -8.80
N PRO B 248 6.16 1.96 -9.58
CA PRO B 248 4.91 2.74 -9.65
C PRO B 248 4.15 2.66 -8.33
N VAL B 249 3.38 3.71 -8.02
CA VAL B 249 2.59 3.88 -6.80
C VAL B 249 1.75 2.66 -6.37
N GLU B 250 1.13 1.96 -7.33
CA GLU B 250 0.26 0.79 -7.11
C GLU B 250 0.95 -0.49 -6.61
N GLU B 251 2.23 -0.69 -6.94
CA GLU B 251 2.98 -1.90 -6.56
C GLU B 251 3.65 -1.80 -5.19
N LEU B 252 3.69 -0.57 -4.63
CA LEU B 252 4.31 -0.20 -3.36
C LEU B 252 3.75 -0.95 -2.15
N PHE B 253 2.42 -0.97 -2.03
CA PHE B 253 1.67 -1.58 -0.94
C PHE B 253 2.00 -3.07 -0.78
N SER B 254 2.10 -3.80 -1.91
CA SER B 254 2.48 -5.21 -1.96
C SER B 254 3.98 -5.37 -1.66
N LEU B 255 4.81 -4.46 -2.20
CA LEU B 255 6.26 -4.41 -1.99
C LEU B 255 6.55 -4.31 -0.49
N LEU B 256 5.88 -3.36 0.22
CA LEU B 256 6.03 -3.16 1.66
C LEU B 256 5.50 -4.32 2.49
N ARG B 257 4.30 -4.84 2.11
CA ARG B 257 3.63 -5.98 2.77
C ARG B 257 4.45 -7.23 2.69
N GLU B 258 5.37 -7.33 1.72
CA GLU B 258 6.24 -8.48 1.51
C GLU B 258 7.68 -8.32 2.05
N GLY B 259 7.87 -7.30 2.90
CA GLY B 259 9.14 -7.03 3.59
C GLY B 259 10.26 -6.38 2.78
N HIS B 260 9.92 -5.82 1.60
CA HIS B 260 10.90 -5.12 0.78
C HIS B 260 10.88 -3.62 1.06
N ARG B 261 12.08 -3.02 1.06
CA ARG B 261 12.31 -1.60 1.35
C ARG B 261 13.29 -1.02 0.34
N MET B 262 13.49 0.31 0.34
CA MET B 262 14.44 0.96 -0.56
C MET B 262 15.87 0.48 -0.27
N ASP B 263 16.69 0.38 -1.32
CA ASP B 263 18.09 -0.06 -1.19
C ASP B 263 18.97 1.08 -0.62
N ARG B 264 20.18 0.73 -0.19
CA ARG B 264 21.13 1.70 0.35
C ARG B 264 21.57 2.73 -0.69
N PRO B 265 21.36 4.05 -0.41
CA PRO B 265 21.83 5.10 -1.36
C PRO B 265 23.34 4.95 -1.68
N PRO B 266 23.74 5.15 -2.96
CA PRO B 266 25.14 4.93 -3.37
C PRO B 266 26.28 5.12 -2.36
N HIS B 267 26.47 6.33 -1.81
CA HIS B 267 27.60 6.53 -0.91
C HIS B 267 27.17 6.78 0.54
N CYS B 268 26.06 6.14 0.95
CA CYS B 268 25.52 6.23 2.29
C CYS B 268 26.17 5.21 3.23
N PRO B 269 26.73 5.63 4.38
CA PRO B 269 27.30 4.63 5.31
C PRO B 269 26.22 3.72 5.89
N PRO B 270 26.53 2.41 6.09
CA PRO B 270 25.53 1.47 6.59
C PRO B 270 24.88 1.76 7.94
N GLU B 271 25.48 2.68 8.72
CA GLU B 271 24.98 3.12 10.03
C GLU B 271 23.72 3.98 9.81
N LEU B 272 23.75 4.84 8.78
CA LEU B 272 22.63 5.69 8.41
C LEU B 272 21.55 4.86 7.75
N TYR B 273 21.94 3.91 6.85
CA TYR B 273 20.99 3.00 6.22
C TYR B 273 20.30 2.14 7.29
N GLY B 274 21.08 1.66 8.28
CA GLY B 274 20.56 0.90 9.41
C GLY B 274 19.51 1.68 10.20
N LEU B 275 19.62 3.02 10.21
CA LEU B 275 18.65 3.88 10.89
C LEU B 275 17.39 3.95 10.04
N MET B 276 17.54 4.18 8.71
CA MET B 276 16.44 4.21 7.72
C MET B 276 15.62 2.92 7.85
N ARG B 277 16.32 1.75 7.89
CA ARG B 277 15.70 0.42 7.99
C ARG B 277 14.88 0.21 9.25
N GLU B 278 15.38 0.67 10.40
CA GLU B 278 14.70 0.57 11.68
C GLU B 278 13.44 1.44 11.66
N CYS B 279 13.49 2.57 10.93
CA CYS B 279 12.37 3.52 10.76
C CYS B 279 11.26 2.83 9.95
N TRP B 280 11.68 1.83 9.13
CA TRP B 280 10.81 1.06 8.25
C TRP B 280 10.39 -0.33 8.73
N HIS B 281 10.43 -0.55 10.06
CA HIS B 281 9.92 -1.80 10.58
C HIS B 281 8.39 -1.74 10.45
N ALA B 282 7.77 -2.89 10.10
CA ALA B 282 6.33 -3.05 9.95
C ALA B 282 5.61 -2.62 11.24
N ALA B 283 6.05 -3.20 12.38
CA ALA B 283 5.50 -2.92 13.71
C ALA B 283 5.92 -1.53 14.20
N PRO B 284 4.96 -0.64 14.52
CA PRO B 284 5.35 0.70 14.99
C PRO B 284 6.19 0.70 16.26
N SER B 285 5.93 -0.27 17.16
CA SER B 285 6.65 -0.43 18.44
C SER B 285 8.09 -0.89 18.22
N GLN B 286 8.40 -1.39 17.02
CA GLN B 286 9.74 -1.85 16.64
C GLN B 286 10.55 -0.68 16.06
N ARG B 287 9.89 0.41 15.69
CA ARG B 287 10.54 1.60 15.12
C ARG B 287 11.24 2.44 16.21
N PRO B 288 12.36 3.16 15.91
CA PRO B 288 12.99 4.00 16.95
C PRO B 288 12.12 5.21 17.28
N THR B 289 12.39 5.87 18.40
CA THR B 289 11.65 7.08 18.79
C THR B 289 12.45 8.24 18.28
N PHE B 290 11.88 9.46 18.25
CA PHE B 290 12.68 10.61 17.84
C PHE B 290 13.85 10.85 18.80
N LYS B 291 13.65 10.56 20.12
CA LYS B 291 14.70 10.63 21.15
C LYS B 291 15.93 9.79 20.74
N GLN B 292 15.72 8.50 20.42
CA GLN B 292 16.77 7.58 19.98
C GLN B 292 17.41 8.03 18.65
N LEU B 293 16.57 8.55 17.70
CA LEU B 293 17.05 9.06 16.42
C LEU B 293 17.99 10.25 16.61
N VAL B 294 17.59 11.22 17.49
CA VAL B 294 18.39 12.39 17.85
C VAL B 294 19.75 11.89 18.38
N GLU B 295 19.71 10.92 19.33
CA GLU B 295 20.90 10.32 19.93
C GLU B 295 21.79 9.68 18.90
N ALA B 296 21.19 8.86 18.01
CA ALA B 296 21.95 8.17 16.97
C ALA B 296 22.60 9.13 15.98
N LEU B 297 21.84 10.11 15.44
CA LEU B 297 22.31 11.14 14.49
C LEU B 297 23.39 12.03 15.09
N ASP B 298 23.38 12.20 16.40
CA ASP B 298 24.38 13.02 17.10
C ASP B 298 25.73 12.31 17.16
N LYS B 299 25.73 10.99 17.39
CA LYS B 299 26.96 10.19 17.45
C LYS B 299 27.66 10.23 16.10
N VAL B 300 26.86 10.27 15.02
CA VAL B 300 27.33 10.36 13.64
C VAL B 300 27.85 11.77 13.40
N LEU B 301 27.13 12.79 13.90
CA LEU B 301 27.56 14.20 13.76
C LEU B 301 28.94 14.41 14.36
N LEU B 302 29.16 13.84 15.55
CA LEU B 302 30.41 13.88 16.30
C LEU B 302 31.56 13.28 15.51
N ALA B 303 31.39 12.04 15.03
CA ALA B 303 32.39 11.32 14.25
C ALA B 303 32.89 12.08 13.02
N VAL B 304 31.98 12.70 12.24
CA VAL B 304 32.32 13.45 11.02
C VAL B 304 32.64 14.92 11.26
O1 99K C . -20.26 -13.80 -7.77
O3 99K C . -21.47 -12.07 -8.52
C11 99K C . -17.05 -13.67 -5.86
C13 99K C . -14.89 -13.55 -4.83
C14 99K C . -15.09 -14.75 -4.12
C15 99K C . -16.31 -15.42 -4.33
C16 99K C . -17.27 -14.90 -5.21
C18 99K C . -14.07 -15.32 -3.14
N2 99K C . -20.43 -12.42 -7.99
C4 99K C . -19.46 -11.51 -7.68
C5 99K C . -19.69 -10.15 -8.00
C6 99K C . -18.74 -9.17 -7.75
C7 99K C . -17.53 -9.59 -7.18
N8 99K C . -17.32 -10.88 -6.86
C9 99K C . -18.23 -11.87 -7.08
N10 99K C . -17.95 -13.17 -6.75
N12 99K C . -15.84 -13.08 -5.67
CL 99K C . -18.75 -15.83 -5.42
F19 99K C . -12.85 -14.75 -3.28
F20 99K C . -14.48 -15.07 -1.89
F21 99K C . -13.92 -16.66 -3.27
O1 99K D . 11.24 32.01 -0.91
O3 99K D . 12.80 33.41 -1.68
C11 99K D . 9.91 31.63 2.55
C13 99K D . 9.33 31.08 4.81
C14 99K D . 8.10 30.53 4.40
C15 99K D . 7.80 30.54 3.04
C16 99K D . 8.70 31.05 2.11
C18 99K D . 7.06 29.96 5.36
N2 99K D . 12.21 33.00 -0.69
C4 99K D . 12.48 33.48 0.55
C5 99K D . 13.47 34.48 0.69
C6 99K D . 13.78 35.01 1.96
C7 99K D . 13.07 34.51 3.07
N8 99K D . 12.13 33.56 2.91
C9 99K D . 11.79 33.03 1.71
N10 99K D . 10.82 32.08 1.63
N12 99K D . 10.19 31.59 3.88
CL 99K D . 8.20 30.96 0.43
F19 99K D . 7.59 29.80 6.59
F20 99K D . 5.97 30.78 5.39
F21 99K D . 6.64 28.74 4.95
#